data_5EM9
#
_entry.id   5EM9
#
_cell.length_a   37.219
_cell.length_b   48.753
_cell.length_c   57.059
_cell.angle_alpha   90.00
_cell.angle_beta   90.00
_cell.angle_gamma   90.00
#
_symmetry.space_group_name_H-M   'P 21 21 21'
#
loop_
_entity.id
_entity.type
_entity.pdbx_description
1 polymer 'Sorting nexin-27'
2 polymer SEP-LEU-GLU-SER-CYS-PHE
3 water water
#
loop_
_entity_poly.entity_id
_entity_poly.type
_entity_poly.pdbx_seq_one_letter_code
_entity_poly.pdbx_strand_id
1 'polypeptide(L)'
;GSHGGSPRVVRIVKSESGYGFNVRGQVSEGGQLRSINGELYAPLQHVSAVLPGGAADRAGVRKGDRILEVNGVNVEGATH
KQVVDLIRAGEKELILTVLSV
;
A
2 'polypeptide(L)' PE(SEP)LESCF B
#
# COMPACT_ATOMS: atom_id res chain seq x y z
N SER A 6 1.10 7.58 13.03
CA SER A 6 0.07 8.45 12.46
C SER A 6 0.00 8.30 10.94
N PRO A 7 -1.22 8.08 10.38
CA PRO A 7 -1.29 7.98 8.92
C PRO A 7 -0.80 9.22 8.20
N ARG A 8 -0.21 9.02 7.02
CA ARG A 8 0.26 10.12 6.18
C ARG A 8 -0.06 9.78 4.72
N VAL A 9 -0.19 10.82 3.89
CA VAL A 9 -0.49 10.63 2.47
C VAL A 9 0.77 10.80 1.64
N VAL A 10 1.01 9.88 0.70
CA VAL A 10 2.17 9.97 -0.19
CA VAL A 10 2.17 9.96 -0.18
C VAL A 10 1.69 9.91 -1.62
N ARG A 11 2.32 10.72 -2.46
CA ARG A 11 2.03 10.79 -3.89
C ARG A 11 3.22 10.20 -4.66
N ILE A 12 2.94 9.26 -5.55
CA ILE A 12 4.02 8.60 -6.29
C ILE A 12 3.73 8.71 -7.78
N VAL A 13 4.71 9.19 -8.53
CA VAL A 13 4.58 9.28 -9.97
C VAL A 13 5.34 8.13 -10.62
N LYS A 14 4.66 7.38 -11.49
CA LYS A 14 5.30 6.30 -12.22
C LYS A 14 6.56 6.77 -12.93
N SER A 15 7.60 5.96 -12.84
CA SER A 15 8.81 6.19 -13.62
C SER A 15 8.93 5.04 -14.62
N GLU A 16 10.14 4.82 -15.11
CA GLU A 16 10.38 3.75 -16.06
C GLU A 16 10.39 2.40 -15.36
N SER A 17 10.85 2.36 -14.12
CA SER A 17 10.72 1.16 -13.31
C SER A 17 9.35 1.07 -12.61
N GLY A 18 8.32 1.66 -13.22
CA GLY A 18 6.99 1.70 -12.61
C GLY A 18 7.03 2.52 -11.33
N TYR A 19 6.35 2.06 -10.26
CA TYR A 19 6.39 2.77 -8.98
C TYR A 19 7.51 2.26 -8.06
N GLY A 20 7.97 1.04 -8.28
CA GLY A 20 9.10 0.53 -7.49
C GLY A 20 8.76 0.08 -6.09
N PHE A 21 7.65 -0.64 -5.94
CA PHE A 21 7.36 -1.27 -4.64
C PHE A 21 6.43 -2.46 -4.82
N ASN A 22 6.42 -3.33 -3.82
CA ASN A 22 5.57 -4.51 -3.77
C ASN A 22 4.58 -4.42 -2.63
N VAL A 23 3.44 -5.10 -2.77
CA VAL A 23 2.39 -5.14 -1.75
C VAL A 23 2.07 -6.61 -1.45
N ARG A 24 2.03 -6.97 -0.16
CA ARG A 24 1.66 -8.32 0.25
C ARG A 24 0.49 -8.25 1.25
N GLY A 25 -0.42 -9.21 1.14
CA GLY A 25 -1.50 -9.29 2.10
C GLY A 25 -2.53 -10.34 1.79
N GLN A 26 -3.62 -10.30 2.54
CA GLN A 26 -4.59 -11.38 2.51
C GLN A 26 -5.40 -11.41 1.23
N VAL A 27 -5.83 -12.62 0.88
CA VAL A 27 -6.67 -12.85 -0.30
C VAL A 27 -8.12 -12.48 -0.07
N SER A 28 -8.55 -12.72 1.16
CA SER A 28 -9.95 -12.57 1.54
CA SER A 28 -9.96 -12.58 1.54
C SER A 28 -10.28 -11.17 2.02
N GLU A 29 -11.57 -10.91 2.27
CA GLU A 29 -12.04 -9.61 2.74
C GLU A 29 -12.33 -9.73 4.24
N GLY A 30 -12.08 -8.66 4.96
CA GLY A 30 -12.45 -8.60 6.36
C GLY A 30 -11.44 -9.35 7.21
N GLY A 31 -11.92 -9.93 8.29
CA GLY A 31 -11.08 -10.72 9.18
C GLY A 31 -10.76 -10.05 10.49
N GLN A 32 -10.00 -10.80 11.28
CA GLN A 32 -9.66 -10.48 12.65
C GLN A 32 -8.90 -9.16 12.72
N LEU A 33 -9.24 -8.36 13.73
CA LEU A 33 -8.60 -7.07 13.93
C LEU A 33 -7.18 -7.30 14.41
N ARG A 34 -6.29 -6.40 14.00
CA ARG A 34 -4.91 -6.44 14.44
C ARG A 34 -4.52 -5.02 14.86
N SER A 35 -3.81 -4.92 15.97
CA SER A 35 -3.32 -3.63 16.43
C SER A 35 -2.07 -3.19 15.66
N ILE A 36 -2.14 -2.02 15.01
CA ILE A 36 -0.99 -1.40 14.33
C ILE A 36 -0.61 -0.14 15.10
N ASN A 37 0.60 -0.11 15.64
CA ASN A 37 1.03 1.02 16.47
C ASN A 37 0.02 1.37 17.57
N GLY A 38 -0.55 0.35 18.22
CA GLY A 38 -1.41 0.58 19.36
C GLY A 38 -2.81 1.00 18.97
N GLU A 39 -3.13 0.92 17.69
CA GLU A 39 -4.47 1.26 17.20
C GLU A 39 -5.06 0.06 16.48
N LEU A 40 -6.32 -0.29 16.77
CA LEU A 40 -6.96 -1.43 16.11
C LEU A 40 -7.46 -1.11 14.69
N TYR A 41 -7.12 -1.99 13.75
CA TYR A 41 -7.61 -1.92 12.37
C TYR A 41 -8.04 -3.29 11.92
N ALA A 42 -8.99 -3.37 10.99
CA ALA A 42 -9.17 -4.61 10.22
C ALA A 42 -7.90 -4.88 9.39
N PRO A 43 -7.76 -6.09 8.80
CA PRO A 43 -6.48 -6.38 8.11
C PRO A 43 -6.12 -5.40 7.02
N LEU A 44 -4.84 -5.03 7.01
CA LEU A 44 -4.28 -4.08 6.06
C LEU A 44 -3.19 -4.75 5.22
N GLN A 45 -3.29 -4.56 3.91
CA GLN A 45 -2.21 -4.91 2.99
C GLN A 45 -1.01 -4.07 3.36
N HIS A 46 0.20 -4.57 3.07
CA HIS A 46 1.38 -3.81 3.42
C HIS A 46 2.43 -3.85 2.34
N VAL A 47 3.31 -2.87 2.41
CA VAL A 47 4.42 -2.73 1.50
C VAL A 47 5.52 -3.71 1.90
N SER A 48 5.79 -4.67 1.02
CA SER A 48 6.68 -5.79 1.33
C SER A 48 8.09 -5.59 0.75
N ALA A 49 8.24 -4.62 -0.15
CA ALA A 49 9.53 -4.28 -0.69
C ALA A 49 9.49 -2.90 -1.30
N VAL A 50 10.62 -2.20 -1.26
CA VAL A 50 10.75 -0.92 -1.92
C VAL A 50 12.03 -0.95 -2.74
N LEU A 51 11.95 -0.65 -4.03
CA LEU A 51 13.15 -0.60 -4.87
C LEU A 51 13.99 0.58 -4.49
N PRO A 52 15.26 0.37 -4.12
CA PRO A 52 16.08 1.55 -3.81
C PRO A 52 16.24 2.48 -5.00
N GLY A 53 15.96 3.76 -4.79
CA GLY A 53 16.11 4.72 -5.85
C GLY A 53 14.91 4.83 -6.76
N GLY A 54 13.90 4.00 -6.54
CA GLY A 54 12.69 4.03 -7.33
C GLY A 54 11.74 5.11 -6.87
N ALA A 55 10.59 5.22 -7.51
CA ALA A 55 9.64 6.31 -7.24
C ALA A 55 9.08 6.25 -5.82
N ALA A 56 8.75 5.05 -5.35
CA ALA A 56 8.16 4.91 -4.03
C ALA A 56 9.20 5.26 -2.96
N ASP A 57 10.43 4.78 -3.13
CA ASP A 57 11.52 5.15 -2.24
C ASP A 57 11.69 6.66 -2.18
N ARG A 58 11.76 7.30 -3.34
CA ARG A 58 11.98 8.74 -3.39
CA ARG A 58 11.98 8.74 -3.39
C ARG A 58 10.83 9.52 -2.76
N ALA A 59 9.62 8.93 -2.75
CA ALA A 59 8.43 9.55 -2.17
C ALA A 59 8.25 9.28 -0.67
N GLY A 60 9.10 8.42 -0.10
CA GLY A 60 9.13 8.22 1.33
C GLY A 60 8.43 6.95 1.80
N VAL A 61 7.98 6.13 0.86
CA VAL A 61 7.42 4.82 1.19
C VAL A 61 8.49 3.88 1.74
N ARG A 62 8.14 3.13 2.78
CA ARG A 62 9.09 2.26 3.45
C ARG A 62 8.55 0.84 3.58
N LYS A 63 9.45 -0.14 3.64
CA LYS A 63 8.95 -1.50 3.73
C LYS A 63 8.27 -1.58 5.09
N GLY A 64 7.19 -2.36 5.09
CA GLY A 64 6.39 -2.54 6.28
C GLY A 64 5.24 -1.56 6.36
N ASP A 65 5.24 -0.49 5.56
CA ASP A 65 4.10 0.44 5.60
C ASP A 65 2.77 -0.25 5.37
N ARG A 66 1.79 0.03 6.22
CA ARG A 66 0.45 -0.54 6.08
C ARG A 66 -0.43 0.41 5.27
N ILE A 67 -1.22 -0.14 4.36
CA ILE A 67 -1.97 0.69 3.40
C ILE A 67 -3.41 0.88 3.85
N LEU A 68 -3.78 2.12 4.18
CA LEU A 68 -5.12 2.45 4.66
C LEU A 68 -6.06 2.89 3.54
N GLU A 69 -5.51 3.65 2.59
CA GLU A 69 -6.28 4.13 1.44
C GLU A 69 -5.44 4.06 0.17
N VAL A 70 -6.12 3.85 -0.96
CA VAL A 70 -5.49 3.90 -2.29
C VAL A 70 -6.35 4.83 -3.14
N ASN A 71 -5.74 5.89 -3.64
CA ASN A 71 -6.43 6.89 -4.46
C ASN A 71 -7.74 7.35 -3.83
N GLY A 72 -7.67 7.60 -2.53
CA GLY A 72 -8.80 8.16 -1.81
C GLY A 72 -9.91 7.17 -1.45
N VAL A 73 -9.66 5.89 -1.73
CA VAL A 73 -10.59 4.81 -1.41
C VAL A 73 -10.05 3.99 -0.23
N ASN A 74 -10.88 3.86 0.80
CA ASN A 74 -10.52 3.12 2.00
C ASN A 74 -10.36 1.65 1.66
N VAL A 75 -9.24 1.06 2.09
CA VAL A 75 -8.96 -0.35 1.81
C VAL A 75 -8.67 -1.11 3.09
N GLU A 76 -9.20 -0.60 4.20
CA GLU A 76 -9.14 -1.34 5.44
C GLU A 76 -9.95 -2.63 5.25
N GLY A 77 -9.34 -3.76 5.57
CA GLY A 77 -9.98 -5.05 5.40
C GLY A 77 -10.11 -5.52 3.95
N ALA A 78 -9.49 -4.82 3.00
CA ALA A 78 -9.68 -5.14 1.61
C ALA A 78 -9.01 -6.45 1.19
N THR A 79 -9.52 -7.04 0.12
CA THR A 79 -8.83 -8.13 -0.53
C THR A 79 -7.61 -7.65 -1.25
N HIS A 80 -6.64 -8.53 -1.46
CA HIS A 80 -5.44 -8.19 -2.21
C HIS A 80 -5.83 -7.66 -3.56
N LYS A 81 -6.78 -8.33 -4.21
CA LYS A 81 -7.18 -7.95 -5.57
C LYS A 81 -7.73 -6.53 -5.63
N GLN A 82 -8.51 -6.16 -4.62
CA GLN A 82 -9.08 -4.82 -4.58
C GLN A 82 -7.98 -3.79 -4.51
N VAL A 83 -6.97 -4.07 -3.69
CA VAL A 83 -5.88 -3.10 -3.57
C VAL A 83 -5.01 -3.05 -4.82
N VAL A 84 -4.70 -4.19 -5.44
CA VAL A 84 -3.95 -4.22 -6.70
C VAL A 84 -4.68 -3.41 -7.76
N ASP A 85 -5.98 -3.65 -7.90
CA ASP A 85 -6.78 -2.99 -8.96
C ASP A 85 -6.81 -1.49 -8.71
N LEU A 86 -6.98 -1.08 -7.45
CA LEU A 86 -6.93 0.36 -7.16
C LEU A 86 -5.55 0.98 -7.44
N ILE A 87 -4.46 0.30 -7.11
CA ILE A 87 -3.14 0.86 -7.37
C ILE A 87 -2.96 1.06 -8.86
N ARG A 88 -3.49 0.15 -9.66
CA ARG A 88 -3.36 0.26 -11.12
C ARG A 88 -4.44 1.16 -11.75
N ALA A 89 -5.31 1.78 -10.94
CA ALA A 89 -6.45 2.52 -11.54
C ALA A 89 -6.00 3.73 -12.33
N GLY A 90 -4.97 4.40 -11.83
CA GLY A 90 -4.47 5.62 -12.45
C GLY A 90 -3.43 5.29 -13.52
N GLU A 91 -3.32 6.14 -14.53
CA GLU A 91 -2.39 5.80 -15.59
C GLU A 91 -0.94 6.05 -15.20
N LYS A 92 -0.67 7.10 -14.43
CA LYS A 92 0.73 7.41 -14.07
C LYS A 92 0.96 7.97 -12.67
N GLU A 93 -0.10 8.10 -11.87
CA GLU A 93 0.03 8.66 -10.54
C GLU A 93 -0.72 7.80 -9.54
N LEU A 94 -0.16 7.72 -8.33
CA LEU A 94 -0.71 6.92 -7.25
C LEU A 94 -0.65 7.74 -5.97
N ILE A 95 -1.76 7.76 -5.22
CA ILE A 95 -1.80 8.43 -3.93
C ILE A 95 -2.15 7.37 -2.89
N LEU A 96 -1.32 7.24 -1.85
CA LEU A 96 -1.51 6.22 -0.82
C LEU A 96 -1.65 6.92 0.51
N THR A 97 -2.48 6.36 1.39
CA THR A 97 -2.47 6.73 2.81
C THR A 97 -1.83 5.55 3.52
N VAL A 98 -0.68 5.80 4.12
CA VAL A 98 0.05 4.73 4.78
C VAL A 98 0.31 4.98 6.26
N LEU A 99 0.49 3.88 6.97
CA LEU A 99 0.89 3.89 8.37
C LEU A 99 2.22 3.18 8.50
N SER A 100 3.27 3.89 8.94
CA SER A 100 4.57 3.26 9.05
C SER A 100 4.67 2.53 10.37
N VAL A 101 5.47 1.47 10.40
CA VAL A 101 5.63 0.69 11.64
C VAL A 101 7.02 0.83 12.18
N SEP B 3 -1.36 -15.70 1.81
CA SEP B 3 -1.13 -14.26 1.44
CB SEP B 3 -0.31 -13.54 2.50
OG SEP B 3 1.06 -13.83 2.38
C SEP B 3 -0.46 -14.18 0.07
O SEP B 3 0.23 -15.12 -0.34
P SEP B 3 1.70 -14.18 3.81
O1P SEP B 3 3.28 -14.37 3.61
O2P SEP B 3 1.02 -15.52 4.36
O3P SEP B 3 1.47 -12.97 4.83
H SEP B 3 -1.92 -15.75 2.50
HA SEP B 3 -2.00 -13.82 1.37
HB2 SEP B 3 -0.61 -13.81 3.38
HB3 SEP B 3 -0.43 -12.59 2.39
N LEU B 4 -0.66 -13.06 -0.63
CA LEU B 4 -0.21 -12.89 -2.00
C LEU B 4 0.60 -11.61 -2.15
N GLU B 5 1.59 -11.61 -3.04
CA GLU B 5 2.44 -10.46 -3.26
C GLU B 5 2.36 -10.02 -4.72
N SER B 6 2.31 -8.71 -4.95
CA SER B 6 2.28 -8.14 -6.30
C SER B 6 3.31 -7.03 -6.42
N CYS B 7 3.75 -6.77 -7.67
CA CYS B 7 4.81 -5.81 -7.98
C CYS B 7 4.23 -4.64 -8.72
N PHE B 8 4.75 -3.45 -8.39
CA PHE B 8 4.31 -2.21 -9.01
C PHE B 8 5.46 -1.32 -9.41
#